data_6T3R
#
_entry.id   6T3R
#
_cell.length_a   89.458
_cell.length_b   95.100
_cell.length_c   222.402
_cell.angle_alpha   90.000
_cell.angle_beta   90.000
_cell.angle_gamma   90.000
#
_symmetry.space_group_name_H-M   'P 21 21 21'
#
loop_
_entity.id
_entity.type
_entity.pdbx_description
1 polymer 'Group IIC Intron Ribozyme'
2 polymer 'Group IIC Intron Ribozyme'
3 non-polymer 'MAGNESIUM ION'
4 non-polymer 'POTASSIUM ION'
5 non-polymer '4-(2-HYDROXYETHYL)-1-PIPERAZINE ETHANESULFONIC ACID'
6 non-polymer SPERMINE
7 water water
#
loop_
_entity_poly.entity_id
_entity_poly.type
_entity_poly.pdbx_seq_one_letter_code
_entity_poly.pdbx_strand_id
1 'polyribonucleotide'
;GUGUGCCCGGCAUGGGUGCAGUCUAUAGGGUGAGAGUCCCGAACUGUGAAGGCAGAAGUAACAGUUAGCCUAACGCAAGG
GUGUCCGUGGCGACAUGGAAUCUGAAGGAAGCGGACGGCAAACCUUCGGUCUGAGGAACACGAACUUCAUAUGAGGCUAG
GUAUCAAUGGAUGAGUUUGCAUAACAAAACAAAGUCCUUUCUGCCAAAGUUGGUACAGAGUAAAUGAAGCAGAUUGAUGA
AGGGAAAGACUGCAUUCUUACCCGGGGAGGUCUGGAAACAGAAGUCAGUAGAAGUCAUAGUACCCUGUUCGCAGGGGAAG
GACGGAACAAGUAUGGCGUUCGCGCCUAAGCUUGAACUGCCGUAUACCGAACGGUACGUACGGUAGUGUG
;
A
2 'polyribonucleotide' GGGGUUAU B
#
loop_
_chem_comp.id
_chem_comp.type
_chem_comp.name
_chem_comp.formula
A RNA linking ADENOSINE-5'-MONOPHOSPHATE 'C10 H14 N5 O7 P'
C RNA linking CYTIDINE-5'-MONOPHOSPHATE 'C9 H14 N3 O8 P'
EPE non-polymer '4-(2-HYDROXYETHYL)-1-PIPERAZINE ETHANESULFONIC ACID' 'C8 H18 N2 O4 S'
G RNA linking GUANOSINE-5'-MONOPHOSPHATE 'C10 H14 N5 O8 P'
K non-polymer 'POTASSIUM ION' 'K 1'
MG non-polymer 'MAGNESIUM ION' 'Mg 2'
SPM non-polymer SPERMINE 'C10 H26 N4'
U RNA linking URIDINE-5'-MONOPHOSPHATE 'C9 H13 N2 O9 P'
#
# COMPACT_ATOMS: atom_id res chain seq x y z
MG MG C . 17.98 22.71 -3.34
MG MG D . 15.67 26.48 10.07
MG MG E . 34.13 22.41 -4.59
MG MG F . 23.73 9.74 0.54
MG MG G . 19.28 10.63 -6.97
MG MG H . -11.19 -19.68 -6.92
MG MG I . 36.05 32.35 10.50
MG MG J . -22.13 -12.91 -14.63
MG MG K . 4.11 11.74 8.86
MG MG L . 15.79 6.03 -4.49
MG MG M . 0.70 -6.76 -9.96
MG MG N . -2.77 7.74 -14.17
MG MG O . -2.23 14.63 8.07
MG MG P . 24.24 13.41 -16.98
MG MG Q . -13.99 -14.93 5.48
MG MG R . 8.11 29.57 24.78
MG MG S . 10.31 23.55 -22.96
MG MG T . 18.16 14.23 15.57
MG MG U . -8.95 -1.88 -30.92
MG MG V . 6.55 4.81 -12.88
MG MG W . -9.40 -12.18 3.27
MG MG X . 15.02 16.11 -34.71
MG MG Y . 14.21 28.02 16.27
MG MG Z . 31.46 30.07 1.49
MG MG AA . 29.90 15.19 2.68
K K BA . 14.89 22.85 27.64
MG MG CA . 15.07 31.30 29.46
MG MG DA . 42.09 9.18 -13.43
MG MG EA . 2.14 -12.05 -8.09
MG MG FA . 15.78 0.20 25.13
MG MG GA . 17.16 20.56 -3.56
K K HA . 10.64 18.49 4.57
K K IA . 20.75 49.35 29.52
K K JA . -11.68 -26.19 -0.47
K K KA . -4.63 23.70 17.58
K K LA . 12.80 17.28 24.25
K K MA . -0.84 -10.29 -26.23
K K NA . -1.13 39.17 25.06
K K OA . 12.89 22.49 4.09
K K PA . 0.38 -41.64 -2.46
K K QA . 21.70 21.27 -2.53
K K RA . 48.53 28.73 -7.71
K K SA . 0.37 46.03 33.36
K K TA . 31.76 23.51 20.18
K K UA . 9.72 -6.66 19.50
K K VA . 23.87 33.62 28.25
C10 EPE WA . -2.91 2.80 11.49
S EPE WA . -4.18 3.51 10.42
O1S EPE WA . -3.88 4.91 10.16
O2S EPE WA . -4.21 2.78 9.16
O3S EPE WA . -5.48 3.41 11.07
K K XA . 23.61 44.39 30.90
C10 EPE YA . -11.62 -4.01 0.28
S EPE YA . -11.64 -3.80 -1.51
O1S EPE YA . -10.77 -2.70 -1.91
O2S EPE YA . -11.17 -5.04 -2.13
O3S EPE YA . -13.01 -3.51 -1.95
K K ZA . 17.28 9.20 19.79
K K AB . -24.20 -10.03 -13.42
N1 SPM BB . -21.63 -1.56 -25.15
C2 SPM BB . -21.73 -2.42 -23.98
C3 SPM BB . -22.17 -1.60 -22.78
C4 SPM BB . -22.28 -2.48 -21.54
N5 SPM BB . -22.25 -1.71 -20.32
C6 SPM BB . -20.98 -1.28 -19.78
C7 SPM BB . -20.86 -1.62 -18.30
C8 SPM BB . -21.86 -0.80 -17.48
C9 SPM BB . -21.74 -1.14 -15.99
N10 SPM BB . -22.30 -2.44 -15.69
C11 SPM BB . -23.04 -2.63 -14.46
C12 SPM BB . -24.18 -3.63 -14.59
C13 SPM BB . -25.30 -3.08 -15.46
N14 SPM BB . -26.39 -4.03 -15.49
N1 SPM CB . -9.99 -32.68 0.99
C2 SPM CB . -9.39 -32.46 2.28
C3 SPM CB . -8.62 -33.71 2.69
C4 SPM CB . -9.44 -34.58 3.62
N5 SPM CB . -10.74 -34.91 3.07
C6 SPM CB . -10.98 -36.21 2.48
C7 SPM CB . -11.74 -37.16 3.40
C8 SPM CB . -10.91 -38.40 3.74
C9 SPM CB . -11.68 -39.68 3.44
N10 SPM CB . -10.87 -40.86 3.66
C11 SPM CB . -10.82 -41.89 2.65
C12 SPM CB . -9.67 -41.65 1.67
C13 SPM CB . -9.23 -42.96 1.00
N14 SPM CB . -7.95 -42.76 0.36
N1 EPE DB . 0.86 -24.48 -11.38
C2 EPE DB . -0.41 -24.30 -10.65
C3 EPE DB . -0.83 -25.62 -9.98
N4 EPE DB . -0.66 -26.77 -10.84
C5 EPE DB . 0.49 -26.85 -11.71
C6 EPE DB . 0.72 -25.51 -12.41
C9 EPE DB . 1.29 -23.22 -12.01
C10 EPE DB . 2.80 -23.19 -12.01
S EPE DB . 3.54 -21.54 -12.05
O1S EPE DB . 3.30 -20.90 -13.34
O2S EPE DB . 4.97 -21.66 -11.83
O3S EPE DB . 2.95 -20.74 -10.98
S EPE EB . -0.35 33.27 22.33
O1S EPE EB . -1.08 34.34 23.01
O2S EPE EB . -1.02 32.00 22.57
O3S EPE EB . 1.03 33.22 22.82
S EPE FB . -8.73 22.24 10.84
O1S EPE FB . -7.60 22.67 10.02
O2S EPE FB . -8.54 22.68 12.22
O3S EPE FB . -8.84 20.79 10.81
#